data_6T6Y
#
_entry.id   6T6Y
#
_cell.length_a   66.986
_cell.length_b   80.109
_cell.length_c   89.420
_cell.angle_alpha   90.000
_cell.angle_beta   90.000
_cell.angle_gamma   90.000
#
_symmetry.space_group_name_H-M   'I 2 2 2'
#
loop_
_entity.id
_entity.type
_entity.pdbx_description
1 polymer BotH
2 non-polymer 'Bottromycin A2'
3 water water
#
_entity_poly.entity_id   1
_entity_poly.type   'polypeptide(L)'
_entity_poly.pdbx_seq_one_letter_code
;HHHHHHSSGLVPRGSHMVRDGNGTSRRDVFEVFSRDGTPIRGFSRPGPGETVVLVHGVAMDRRIWAESGFLDALPDAHVL
ALDLRGRGESGRVGTAEGHALRRYVEDVRAVLDRFGRARYSLFGTFFGGRIALQVAAVDTRVARAFSFCAHAEQVEIPED
AVEEEAVAVEGPGGHAYLRDHFTGRGAPPWMVEACARVDPGELGAATRGLLHGSDRRTERGHPDQELVLITADGDADLAP
FHAGERRLGAHLWLVDAPTRIKAAGRLAEVGRRVAGVLAEGGHGTGDAPAEARTTGDAPAEARASGTGVV
;
_entity_poly.pdbx_strand_id   A
#
loop_
_chem_comp.id
_chem_comp.type
_chem_comp.name
_chem_comp.formula
MQH non-polymer 'Bottromycin A2' 'C42 H62 N8 O7 S'
#
# COMPACT_ATOMS: atom_id res chain seq x y z
N ARG A 27 2.64 18.23 -11.72
CA ARG A 27 3.40 17.41 -10.78
C ARG A 27 4.89 17.64 -10.91
N ASP A 28 5.59 17.53 -9.79
CA ASP A 28 7.05 17.53 -9.75
C ASP A 28 7.53 16.13 -9.38
N VAL A 29 8.69 15.78 -9.85
CA VAL A 29 9.28 14.50 -9.42
C VAL A 29 10.29 14.70 -8.31
N PHE A 30 10.51 13.66 -7.53
CA PHE A 30 11.47 13.72 -6.43
C PHE A 30 12.18 12.38 -6.35
N GLU A 31 13.37 12.43 -5.76
CA GLU A 31 14.11 11.25 -5.34
C GLU A 31 14.55 11.43 -3.91
N VAL A 32 14.53 10.33 -3.16
CA VAL A 32 15.05 10.30 -1.81
C VAL A 32 15.81 8.99 -1.71
N PHE A 33 16.59 8.79 -0.64
CA PHE A 33 17.32 7.55 -0.43
C PHE A 33 16.82 6.94 0.86
N SER A 34 16.52 5.68 0.77
CA SER A 34 16.15 4.91 1.94
C SER A 34 17.39 4.61 2.79
N ARG A 35 17.14 4.09 4.01
CA ARG A 35 18.18 3.78 4.96
C ARG A 35 19.28 2.92 4.37
N ASP A 36 18.91 1.94 3.54
CA ASP A 36 19.89 1.02 2.99
C ASP A 36 20.46 1.47 1.63
N GLY A 37 20.27 2.72 1.29
CA GLY A 37 20.84 3.28 0.07
C GLY A 37 19.94 3.18 -1.14
N THR A 38 18.83 2.50 -1.07
CA THR A 38 17.97 2.35 -2.27
C THR A 38 17.35 3.68 -2.65
N PRO A 39 17.48 4.11 -3.89
CA PRO A 39 16.78 5.33 -4.31
C PRO A 39 15.32 5.10 -4.52
N ILE A 40 14.52 6.01 -4.00
CA ILE A 40 13.07 5.93 -4.02
C ILE A 40 12.59 7.15 -4.77
N ARG A 41 11.87 6.89 -5.85
CA ARG A 41 11.44 7.97 -6.73
C ARG A 41 9.90 8.10 -6.67
N GLY A 42 9.42 9.31 -6.87
CA GLY A 42 7.99 9.52 -6.82
C GLY A 42 7.63 10.84 -7.43
N PHE A 43 6.35 11.18 -7.27
CA PHE A 43 5.88 12.51 -7.66
C PHE A 43 5.24 13.23 -6.48
N SER A 44 5.27 14.56 -6.58
CA SER A 44 4.57 15.47 -5.68
C SER A 44 3.58 16.29 -6.50
N ARG A 45 2.31 16.30 -6.08
CA ARG A 45 1.29 17.10 -6.73
C ARG A 45 0.94 18.17 -5.71
N PRO A 46 1.36 19.41 -5.91
CA PRO A 46 1.21 20.44 -4.87
C PRO A 46 -0.26 20.72 -4.61
N GLY A 47 -0.54 21.16 -3.40
CA GLY A 47 -1.85 21.65 -3.03
C GLY A 47 -1.81 22.32 -1.68
N PRO A 48 -2.85 23.10 -1.38
CA PRO A 48 -2.86 23.91 -0.14
C PRO A 48 -3.31 23.14 1.09
N GLY A 49 -3.78 21.93 0.92
CA GLY A 49 -4.43 21.19 2.00
C GLY A 49 -3.48 20.26 2.71
N GLU A 50 -4.05 19.18 3.24
CA GLU A 50 -3.26 18.21 4.00
C GLU A 50 -2.28 17.52 3.06
N THR A 51 -1.16 17.05 3.64
CA THR A 51 -0.20 16.29 2.88
C THR A 51 -0.55 14.81 3.02
N VAL A 52 -0.79 14.16 1.89
CA VAL A 52 -1.23 12.78 1.83
C VAL A 52 -0.18 11.97 1.08
N VAL A 53 0.25 10.84 1.66
CA VAL A 53 1.27 9.98 1.08
C VAL A 53 0.63 8.65 0.70
N LEU A 54 0.76 8.29 -0.57
CA LEU A 54 0.07 7.16 -1.16
C LEU A 54 1.04 6.02 -1.38
N VAL A 55 0.65 4.82 -0.89
CA VAL A 55 1.54 3.62 -0.90
C VAL A 55 0.85 2.45 -1.62
N HIS A 56 1.36 2.10 -2.78
CA HIS A 56 0.72 1.07 -3.62
C HIS A 56 1.04 -0.33 -3.14
N GLY A 57 0.39 -1.32 -3.77
CA GLY A 57 0.57 -2.73 -3.45
C GLY A 57 1.75 -3.39 -4.18
N VAL A 58 1.84 -4.73 -4.06
CA VAL A 58 3.03 -5.48 -4.48
C VAL A 58 3.22 -5.40 -5.99
N ALA A 59 2.18 -5.74 -6.74
CA ALA A 59 2.25 -5.81 -8.20
C ALA A 59 1.72 -4.56 -8.85
N MET A 60 2.06 -3.42 -8.29
CA MET A 60 1.57 -2.13 -8.69
C MET A 60 2.71 -1.12 -8.66
N ASP A 61 2.41 0.07 -9.13
CA ASP A 61 3.33 1.21 -9.06
C ASP A 61 2.51 2.46 -8.80
N ARG A 62 3.14 3.62 -8.78
CA ARG A 62 2.44 4.83 -8.42
C ARG A 62 1.45 5.29 -9.47
N ARG A 63 1.40 4.72 -10.68
CA ARG A 63 0.44 5.20 -11.66
C ARG A 63 -0.97 4.81 -11.27
N ILE A 64 -1.16 3.91 -10.29
CA ILE A 64 -2.51 3.47 -9.99
C ILE A 64 -3.35 4.59 -9.39
N TRP A 65 -2.71 5.60 -8.82
CA TRP A 65 -3.50 6.58 -8.09
C TRP A 65 -4.32 7.44 -9.07
N ALA A 66 -3.71 7.84 -10.17
CA ALA A 66 -4.46 8.58 -11.17
C ALA A 66 -5.39 7.64 -11.92
N GLU A 67 -4.92 6.45 -12.27
CA GLU A 67 -5.74 5.55 -13.07
C GLU A 67 -6.99 5.06 -12.33
N SER A 68 -6.89 4.92 -11.01
CA SER A 68 -8.04 4.49 -10.23
C SER A 68 -9.03 5.61 -9.99
N GLY A 69 -8.64 6.88 -10.19
CA GLY A 69 -9.50 8.02 -9.85
C GLY A 69 -9.32 8.45 -8.43
N PHE A 70 -8.50 7.75 -7.64
CA PHE A 70 -8.30 8.17 -6.27
C PHE A 70 -7.72 9.59 -6.22
N LEU A 71 -6.73 9.90 -7.07
CA LEU A 71 -6.03 11.18 -7.02
C LEU A 71 -6.96 12.35 -7.33
N ASP A 72 -7.82 12.19 -8.32
CA ASP A 72 -8.76 13.26 -8.65
C ASP A 72 -9.78 13.50 -7.55
N ALA A 73 -9.93 12.55 -6.63
CA ALA A 73 -10.84 12.74 -5.53
C ALA A 73 -10.28 13.64 -4.43
N LEU A 74 -9.01 14.04 -4.51
CA LEU A 74 -8.33 14.86 -3.50
C LEU A 74 -7.82 16.15 -4.15
N PRO A 75 -8.70 17.03 -4.59
CA PRO A 75 -8.21 18.19 -5.35
C PRO A 75 -7.36 19.16 -4.53
N ASP A 76 -7.58 19.25 -3.23
CA ASP A 76 -6.87 20.26 -2.43
C ASP A 76 -5.58 19.74 -1.81
N ALA A 77 -5.40 18.44 -1.71
CA ALA A 77 -4.31 17.91 -0.94
C ALA A 77 -2.98 18.10 -1.67
N HIS A 78 -1.91 18.14 -0.88
CA HIS A 78 -0.56 17.98 -1.40
C HIS A 78 -0.35 16.48 -1.41
N VAL A 79 -0.27 15.91 -2.60
CA VAL A 79 -0.18 14.46 -2.72
C VAL A 79 1.27 14.04 -3.02
N LEU A 80 1.76 13.08 -2.28
CA LEU A 80 3.07 12.46 -2.51
C LEU A 80 2.84 11.00 -2.84
N ALA A 81 3.26 10.56 -4.02
CA ALA A 81 3.11 9.15 -4.38
C ALA A 81 4.48 8.57 -4.76
N LEU A 82 4.88 7.53 -4.02
CA LEU A 82 6.19 6.94 -4.31
C LEU A 82 5.99 5.65 -5.10
N ASP A 83 7.03 5.26 -5.79
CA ASP A 83 7.25 3.89 -6.20
C ASP A 83 8.04 3.19 -5.11
N LEU A 84 7.50 2.13 -4.54
CA LEU A 84 8.29 1.34 -3.59
C LEU A 84 9.50 0.78 -4.33
N ARG A 85 10.52 0.38 -3.53
CA ARG A 85 11.70 -0.25 -4.09
C ARG A 85 11.31 -1.37 -5.02
N GLY A 86 12.02 -1.45 -6.13
CA GLY A 86 11.86 -2.50 -7.10
C GLY A 86 10.75 -2.32 -8.09
N ARG A 87 9.86 -1.35 -7.87
CA ARG A 87 8.68 -1.04 -8.69
C ARG A 87 8.90 0.34 -9.36
N GLY A 88 8.26 0.56 -10.49
CA GLY A 88 8.25 1.87 -11.11
C GLY A 88 9.66 2.34 -11.38
N GLU A 89 9.95 3.58 -10.98
CA GLU A 89 11.23 4.25 -11.16
C GLU A 89 12.15 4.13 -9.99
N SER A 90 11.84 3.30 -9.01
CA SER A 90 12.69 3.19 -7.84
C SER A 90 13.74 2.10 -8.02
N GLY A 91 14.77 2.16 -7.16
CA GLY A 91 15.90 1.26 -7.33
C GLY A 91 15.54 -0.21 -7.28
N ARG A 92 16.31 -1.01 -7.98
CA ARG A 92 16.10 -2.46 -7.96
C ARG A 92 16.72 -3.06 -6.72
N VAL A 93 16.15 -4.16 -6.31
CA VAL A 93 16.47 -4.88 -5.07
C VAL A 93 16.85 -6.31 -5.39
N GLY A 94 15.89 -7.14 -5.81
CA GLY A 94 16.29 -8.48 -6.30
C GLY A 94 16.64 -9.52 -5.24
N THR A 95 16.43 -9.22 -3.95
CA THR A 95 16.62 -10.20 -2.90
C THR A 95 15.38 -10.14 -2.02
N ALA A 96 15.10 -11.28 -1.40
CA ALA A 96 13.95 -11.39 -0.54
C ALA A 96 14.10 -10.52 0.70
N GLU A 97 15.27 -10.56 1.35
CA GLU A 97 15.41 -9.70 2.53
C GLU A 97 15.41 -8.22 2.18
N GLY A 98 15.83 -7.85 1.00
CA GLY A 98 15.71 -6.45 0.60
C GLY A 98 14.30 -5.97 0.47
N HIS A 99 13.35 -6.88 0.36
CA HIS A 99 11.92 -6.60 0.30
C HIS A 99 11.21 -6.81 1.66
N ALA A 100 11.94 -6.92 2.73
CA ALA A 100 11.34 -7.02 4.05
C ALA A 100 10.49 -5.79 4.33
N LEU A 101 9.43 -6.01 5.11
CA LEU A 101 8.52 -4.91 5.50
C LEU A 101 9.27 -3.71 6.05
N ARG A 102 10.30 -3.95 6.87
CA ARG A 102 11.01 -2.85 7.48
C ARG A 102 11.67 -1.98 6.44
N ARG A 103 12.08 -2.55 5.31
CA ARG A 103 12.68 -1.74 4.26
C ARG A 103 11.66 -0.84 3.57
N TYR A 104 10.45 -1.36 3.33
CA TYR A 104 9.41 -0.51 2.74
C TYR A 104 9.05 0.62 3.71
N VAL A 105 9.04 0.33 5.01
CA VAL A 105 8.75 1.37 5.98
C VAL A 105 9.81 2.45 5.92
N GLU A 106 11.09 2.05 5.78
CA GLU A 106 12.16 3.01 5.60
C GLU A 106 12.00 3.82 4.32
N ASP A 107 11.52 3.20 3.24
CA ASP A 107 11.28 3.94 1.99
C ASP A 107 10.26 5.05 2.22
N VAL A 108 9.14 4.71 2.86
CA VAL A 108 8.12 5.73 3.11
C VAL A 108 8.61 6.81 4.06
N ARG A 109 9.33 6.45 5.11
CA ARG A 109 9.83 7.46 6.04
C ARG A 109 10.80 8.41 5.35
N ALA A 110 11.57 7.95 4.38
CA ALA A 110 12.44 8.83 3.64
C ALA A 110 11.64 9.90 2.90
N VAL A 111 10.49 9.52 2.33
CA VAL A 111 9.62 10.47 1.66
C VAL A 111 9.10 11.50 2.66
N LEU A 112 8.74 11.04 3.86
CA LEU A 112 8.30 11.98 4.90
C LEU A 112 9.42 12.97 5.26
N ASP A 113 10.66 12.49 5.31
CA ASP A 113 11.79 13.37 5.52
C ASP A 113 11.90 14.44 4.43
N ARG A 114 11.80 14.03 3.15
CA ARG A 114 12.07 15.02 2.10
C ARG A 114 11.11 16.20 2.15
N PHE A 115 9.85 15.93 2.47
CA PHE A 115 8.88 17.01 2.46
C PHE A 115 8.72 17.75 3.78
N GLY A 116 9.41 17.29 4.81
CA GLY A 116 9.62 18.07 6.01
C GLY A 116 8.41 18.47 6.83
N ARG A 117 7.27 17.84 6.65
CA ARG A 117 6.10 18.24 7.41
C ARG A 117 6.07 17.55 8.76
N ALA A 118 5.35 18.19 9.72
CA ALA A 118 5.14 17.56 11.01
C ALA A 118 3.98 16.57 10.98
N ARG A 119 3.06 16.72 10.01
CA ARG A 119 1.84 15.92 9.96
C ARG A 119 1.69 15.37 8.54
N TYR A 120 1.48 14.07 8.43
CA TYR A 120 1.12 13.41 7.20
C TYR A 120 -0.06 12.46 7.38
N SER A 121 -0.82 12.28 6.30
CA SER A 121 -1.85 11.26 6.26
C SER A 121 -1.44 10.22 5.22
N LEU A 122 -1.40 8.96 5.60
CA LEU A 122 -0.93 7.92 4.69
C LEU A 122 -2.13 7.10 4.23
N PHE A 123 -2.10 6.64 3.00
CA PHE A 123 -3.15 5.79 2.46
C PHE A 123 -2.46 4.72 1.65
N GLY A 124 -2.73 3.46 1.93
CA GLY A 124 -2.12 2.34 1.21
C GLY A 124 -3.12 1.29 0.74
N THR A 125 -2.84 0.73 -0.42
CA THR A 125 -3.70 -0.30 -0.99
C THR A 125 -3.11 -1.69 -0.79
N PHE A 126 -3.89 -2.61 -0.24
CA PHE A 126 -3.53 -4.02 -0.10
C PHE A 126 -2.24 -4.07 0.71
N PHE A 127 -1.15 -4.70 0.26
CA PHE A 127 0.02 -4.70 1.13
C PHE A 127 0.50 -3.29 1.43
N GLY A 128 0.23 -2.35 0.53
CA GLY A 128 0.54 -0.95 0.80
C GLY A 128 -0.17 -0.41 2.06
N GLY A 129 -1.36 -0.94 2.35
CA GLY A 129 -2.06 -0.63 3.61
C GLY A 129 -1.32 -1.13 4.83
N ARG A 130 -0.81 -2.36 4.77
CA ARG A 130 0.00 -2.90 5.84
C ARG A 130 1.24 -2.04 6.03
N ILE A 131 1.90 -1.66 4.94
CA ILE A 131 3.04 -0.73 5.04
C ILE A 131 2.61 0.55 5.76
N ALA A 132 1.50 1.15 5.33
CA ALA A 132 1.08 2.40 5.92
C ALA A 132 0.83 2.24 7.40
N LEU A 133 0.19 1.15 7.81
CA LEU A 133 -0.03 0.87 9.23
C LEU A 133 1.25 0.74 10.00
N GLN A 134 2.24 0.09 9.43
CA GLN A 134 3.50 -0.04 10.15
C GLN A 134 4.25 1.27 10.25
N VAL A 135 4.20 2.08 9.24
CA VAL A 135 4.82 3.41 9.31
C VAL A 135 4.15 4.21 10.41
N ALA A 136 2.82 4.11 10.51
CA ALA A 136 2.09 4.80 11.58
C ALA A 136 2.54 4.32 12.94
N ALA A 137 2.86 3.04 13.08
CA ALA A 137 3.27 2.52 14.37
C ALA A 137 4.56 3.14 14.86
N VAL A 138 5.47 3.49 13.94
CA VAL A 138 6.82 3.89 14.31
C VAL A 138 7.11 5.36 14.11
N ASP A 139 6.29 6.08 13.37
CA ASP A 139 6.55 7.46 12.97
C ASP A 139 5.50 8.41 13.50
N THR A 140 5.90 9.25 14.45
CA THR A 140 4.97 10.16 15.11
C THR A 140 4.53 11.29 14.21
N ARG A 141 5.11 11.43 13.01
CA ARG A 141 4.59 12.41 12.06
C ARG A 141 3.34 11.97 11.37
N VAL A 142 2.96 10.71 11.51
CA VAL A 142 1.79 10.18 10.82
C VAL A 142 0.58 10.50 11.71
N ALA A 143 -0.25 11.45 11.25
CA ALA A 143 -1.48 11.83 11.96
C ALA A 143 -2.64 10.89 11.63
N ARG A 144 -2.66 10.34 10.42
CA ARG A 144 -3.74 9.47 9.96
C ARG A 144 -3.11 8.38 9.11
N ALA A 145 -3.64 7.15 9.20
CA ALA A 145 -3.27 6.10 8.28
C ALA A 145 -4.53 5.34 7.91
N PHE A 146 -4.67 5.14 6.61
CA PHE A 146 -5.78 4.43 6.00
C PHE A 146 -5.23 3.22 5.30
N SER A 147 -5.78 2.04 5.62
CA SER A 147 -5.39 0.77 5.02
C SER A 147 -6.58 0.23 4.22
N PHE A 148 -6.41 0.20 2.89
CA PHE A 148 -7.45 -0.23 1.98
C PHE A 148 -7.29 -1.71 1.69
N CYS A 149 -8.22 -2.49 2.18
CA CYS A 149 -8.28 -3.93 1.94
C CYS A 149 -7.14 -4.71 2.58
N ALA A 150 -6.63 -4.23 3.71
CA ALA A 150 -5.69 -4.97 4.52
C ALA A 150 -5.99 -4.60 5.97
N HIS A 151 -5.88 -5.55 6.88
CA HIS A 151 -6.09 -5.32 8.30
C HIS A 151 -4.72 -5.24 8.99
N ALA A 152 -4.73 -5.09 10.30
CA ALA A 152 -3.57 -4.78 11.09
C ALA A 152 -3.13 -5.97 11.94
N GLU A 153 -3.77 -7.13 11.85
CA GLU A 153 -3.48 -8.23 12.76
C GLU A 153 -2.39 -9.17 12.28
N GLN A 154 -1.92 -9.98 13.22
CA GLN A 154 -0.96 -11.03 12.91
C GLN A 154 -1.60 -11.97 11.89
N VAL A 155 -0.80 -12.44 10.94
CA VAL A 155 -1.27 -13.40 9.95
C VAL A 155 -0.31 -14.58 9.91
N GLU A 156 -0.84 -15.78 9.74
CA GLU A 156 0.00 -16.95 9.52
C GLU A 156 0.27 -17.05 8.02
N ILE A 157 1.54 -17.06 7.65
CA ILE A 157 1.92 -17.10 6.25
C ILE A 157 2.43 -18.50 5.93
N PRO A 158 1.78 -19.25 5.02
CA PRO A 158 2.30 -20.58 4.66
C PRO A 158 3.54 -20.49 3.78
N GLU A 159 4.69 -20.90 4.32
CA GLU A 159 5.96 -20.79 3.61
C GLU A 159 5.87 -21.43 2.22
N ASP A 160 5.30 -22.65 2.15
CA ASP A 160 5.32 -23.38 0.90
C ASP A 160 4.48 -22.70 -0.17
N ALA A 161 3.29 -22.24 0.17
CA ALA A 161 2.43 -21.60 -0.82
C ALA A 161 3.06 -20.30 -1.32
N VAL A 162 3.68 -19.53 -0.41
CA VAL A 162 4.31 -18.27 -0.83
C VAL A 162 5.49 -18.54 -1.75
N GLU A 163 6.32 -19.54 -1.42
CA GLU A 163 7.42 -19.86 -2.31
C GLU A 163 6.90 -20.30 -3.68
N GLU A 164 5.84 -21.12 -3.69
CA GLU A 164 5.23 -21.55 -4.95
C GLU A 164 4.79 -20.33 -5.76
N GLU A 165 4.15 -19.37 -5.11
CA GLU A 165 3.69 -18.19 -5.82
C GLU A 165 4.85 -17.34 -6.33
N ALA A 166 5.97 -17.29 -5.57
CA ALA A 166 7.13 -16.55 -6.03
C ALA A 166 7.66 -17.14 -7.31
N VAL A 167 7.69 -18.50 -7.41
CA VAL A 167 8.15 -19.17 -8.61
C VAL A 167 7.24 -18.84 -9.78
N ALA A 168 5.92 -18.84 -9.54
CA ALA A 168 4.96 -18.56 -10.61
C ALA A 168 5.12 -17.15 -11.15
N VAL A 169 5.30 -16.19 -10.26
CA VAL A 169 5.29 -14.80 -10.71
C VAL A 169 6.62 -14.38 -11.30
N GLU A 170 7.71 -15.04 -10.98
CA GLU A 170 9.03 -14.57 -11.42
C GLU A 170 9.48 -15.18 -12.73
N GLY A 171 8.75 -16.16 -13.24
CA GLY A 171 9.12 -16.86 -14.45
C GLY A 171 8.49 -16.20 -15.66
N PRO A 172 8.83 -16.72 -16.84
CA PRO A 172 8.25 -16.17 -18.10
C PRO A 172 6.74 -16.00 -18.10
N GLY A 173 5.99 -16.92 -17.53
CA GLY A 173 4.56 -16.72 -17.47
C GLY A 173 4.02 -15.90 -16.31
N GLY A 174 4.87 -15.17 -15.60
CA GLY A 174 4.45 -14.59 -14.34
C GLY A 174 3.42 -13.47 -14.52
N HIS A 175 3.62 -12.58 -15.50
CA HIS A 175 2.65 -11.52 -15.68
C HIS A 175 1.30 -12.09 -16.09
N ALA A 176 1.29 -13.09 -16.98
CA ALA A 176 0.05 -13.74 -17.41
C ALA A 176 -0.63 -14.42 -16.23
N TYR A 177 0.15 -15.06 -15.34
CA TYR A 177 -0.40 -15.68 -14.14
C TYR A 177 -1.16 -14.66 -13.30
N LEU A 178 -0.58 -13.50 -13.06
CA LEU A 178 -1.25 -12.48 -12.26
C LEU A 178 -2.41 -11.85 -13.03
N ARG A 179 -2.21 -11.53 -14.29
CA ARG A 179 -3.29 -10.99 -15.13
C ARG A 179 -4.50 -11.91 -15.11
N ASP A 180 -4.27 -13.20 -15.33
CA ASP A 180 -5.38 -14.13 -15.38
C ASP A 180 -6.07 -14.22 -14.03
N HIS A 181 -5.29 -14.27 -12.96
CA HIS A 181 -5.89 -14.33 -11.62
C HIS A 181 -6.74 -13.09 -11.33
N PHE A 182 -6.19 -11.91 -11.58
CA PHE A 182 -6.92 -10.69 -11.23
C PHE A 182 -8.13 -10.48 -12.17
N THR A 183 -7.99 -10.81 -13.46
CA THR A 183 -9.13 -10.74 -14.37
C THR A 183 -10.24 -11.64 -13.89
N GLY A 184 -9.89 -12.89 -13.54
CA GLY A 184 -10.90 -13.86 -13.19
C GLY A 184 -11.59 -13.49 -11.89
N ARG A 185 -10.98 -12.62 -11.08
CA ARG A 185 -11.58 -12.14 -9.84
C ARG A 185 -12.19 -10.75 -9.97
N GLY A 186 -12.31 -10.23 -11.18
CA GLY A 186 -13.02 -9.00 -11.41
C GLY A 186 -12.27 -7.74 -11.02
N ALA A 187 -10.94 -7.79 -10.98
CA ALA A 187 -10.17 -6.59 -10.63
C ALA A 187 -10.39 -5.49 -11.69
N PRO A 188 -10.29 -4.23 -11.29
CA PRO A 188 -10.37 -3.15 -12.28
C PRO A 188 -9.25 -3.28 -13.31
N PRO A 189 -9.47 -2.75 -14.52
CA PRO A 189 -8.44 -2.90 -15.55
C PRO A 189 -7.08 -2.35 -15.15
N TRP A 190 -7.05 -1.22 -14.44
CA TRP A 190 -5.78 -0.62 -14.04
C TRP A 190 -4.97 -1.58 -13.17
N MET A 191 -5.63 -2.38 -12.37
CA MET A 191 -4.96 -3.32 -11.47
C MET A 191 -4.44 -4.50 -12.26
N VAL A 192 -5.25 -4.95 -13.23
CA VAL A 192 -4.78 -6.01 -14.13
C VAL A 192 -3.54 -5.56 -14.88
N GLU A 193 -3.56 -4.35 -15.39
CA GLU A 193 -2.50 -3.86 -16.27
C GLU A 193 -1.21 -3.54 -15.52
N ALA A 194 -1.31 -3.24 -14.24
CA ALA A 194 -0.15 -2.75 -13.53
C ALA A 194 0.89 -3.85 -13.37
N CYS A 195 0.44 -5.11 -13.27
CA CYS A 195 1.36 -6.23 -13.02
CA CYS A 195 1.41 -6.17 -12.98
C CYS A 195 2.46 -6.31 -14.08
N ALA A 196 2.13 -6.04 -15.33
CA ALA A 196 3.07 -6.15 -16.44
C ALA A 196 4.16 -5.10 -16.43
N ARG A 197 4.01 -4.11 -15.57
CA ARG A 197 5.01 -3.06 -15.39
C ARG A 197 5.99 -3.35 -14.28
N VAL A 198 5.88 -4.50 -13.63
CA VAL A 198 6.80 -4.87 -12.56
C VAL A 198 7.75 -5.93 -13.09
N ASP A 199 9.04 -5.73 -12.91
CA ASP A 199 10.02 -6.71 -13.34
C ASP A 199 9.67 -8.06 -12.71
N PRO A 200 9.65 -9.15 -13.49
CA PRO A 200 9.37 -10.47 -12.88
C PRO A 200 10.28 -10.83 -11.70
N GLY A 201 11.56 -10.45 -11.77
CA GLY A 201 12.47 -10.74 -10.67
C GLY A 201 12.09 -10.04 -9.39
N GLU A 202 11.55 -8.82 -9.50
CA GLU A 202 11.06 -8.12 -8.32
C GLU A 202 9.73 -8.67 -7.83
N LEU A 203 8.88 -9.16 -8.71
CA LEU A 203 7.68 -9.86 -8.23
C LEU A 203 8.06 -11.05 -7.37
N GLY A 204 9.02 -11.86 -7.84
CA GLY A 204 9.45 -12.99 -7.04
C GLY A 204 10.06 -12.56 -5.72
N ALA A 205 11.01 -11.61 -5.76
CA ALA A 205 11.67 -11.18 -4.54
C ALA A 205 10.71 -10.54 -3.54
N ALA A 206 9.76 -9.70 -4.02
CA ALA A 206 8.79 -9.13 -3.10
C ALA A 206 7.94 -10.23 -2.45
N THR A 207 7.56 -11.23 -3.24
CA THR A 207 6.75 -12.31 -2.71
C THR A 207 7.52 -13.05 -1.62
N ARG A 208 8.78 -13.40 -1.87
CA ARG A 208 9.60 -14.03 -0.84
C ARG A 208 9.82 -13.09 0.33
N GLY A 209 9.92 -11.80 0.07
CA GLY A 209 10.07 -10.84 1.13
C GLY A 209 9.00 -10.87 2.19
N LEU A 210 7.80 -11.32 1.84
CA LEU A 210 6.71 -11.42 2.80
C LEU A 210 7.03 -12.39 3.92
N LEU A 211 8.01 -13.27 3.76
CA LEU A 211 8.45 -14.15 4.81
C LEU A 211 9.44 -13.50 5.77
N HIS A 212 9.74 -12.22 5.58
CA HIS A 212 10.65 -11.51 6.48
C HIS A 212 9.98 -10.37 7.23
N GLY A 213 9.00 -10.66 8.05
CA GLY A 213 8.44 -9.70 8.98
C GLY A 213 7.00 -9.28 8.73
N SER A 214 6.45 -9.57 7.57
CA SER A 214 5.13 -9.06 7.22
C SER A 214 4.03 -9.77 7.99
N ASP A 215 4.35 -10.83 8.73
CA ASP A 215 3.31 -11.58 9.44
C ASP A 215 2.85 -10.92 10.74
N ARG A 216 3.60 -9.98 11.29
CA ARG A 216 3.32 -9.49 12.64
C ARG A 216 2.21 -8.45 12.60
N ARG A 217 1.49 -8.33 13.72
CA ARG A 217 0.50 -7.27 13.82
C ARG A 217 1.19 -5.90 13.86
N THR A 218 0.40 -4.86 13.63
CA THR A 218 0.88 -3.48 13.74
C THR A 218 0.31 -2.87 15.01
N GLU A 219 1.02 -1.90 15.55
CA GLU A 219 0.63 -1.21 16.78
C GLU A 219 0.23 0.23 16.49
N ARG A 220 -0.47 0.81 17.44
CA ARG A 220 -0.80 2.22 17.39
C ARG A 220 0.45 3.03 17.73
N GLY A 221 0.69 4.09 16.94
CA GLY A 221 1.85 4.92 17.16
C GLY A 221 1.71 5.93 18.27
N HIS A 222 0.57 6.57 18.36
CA HIS A 222 0.33 7.50 19.45
CA HIS A 222 0.33 7.64 19.32
C HIS A 222 -1.17 7.72 19.59
N PRO A 223 -1.59 8.21 20.75
CA PRO A 223 -3.05 8.23 21.05
C PRO A 223 -3.90 9.02 20.08
N ASP A 224 -3.37 10.08 19.51
CA ASP A 224 -4.19 10.97 18.69
C ASP A 224 -4.28 10.52 17.25
N GLN A 225 -3.57 9.48 16.89
CA GLN A 225 -3.58 9.02 15.52
C GLN A 225 -4.95 8.52 15.09
N GLU A 226 -5.33 8.85 13.86
CA GLU A 226 -6.56 8.33 13.28
C GLU A 226 -6.18 7.13 12.38
N LEU A 227 -6.65 5.94 12.74
CA LEU A 227 -6.38 4.71 12.02
C LEU A 227 -7.66 4.20 11.41
N VAL A 228 -7.65 4.00 10.08
CA VAL A 228 -8.86 3.60 9.37
C VAL A 228 -8.54 2.37 8.54
N LEU A 229 -9.36 1.35 8.67
CA LEU A 229 -9.32 0.16 7.82
C LEU A 229 -10.52 0.19 6.90
N ILE A 230 -10.36 -0.23 5.66
CA ILE A 230 -11.41 -0.17 4.64
C ILE A 230 -11.48 -1.54 4.01
N THR A 231 -12.68 -2.10 3.80
CA THR A 231 -12.78 -3.35 3.08
C THR A 231 -14.18 -3.50 2.47
N ALA A 232 -14.35 -4.60 1.71
CA ALA A 232 -15.65 -4.96 1.15
C ALA A 232 -16.60 -5.40 2.23
N ASP A 233 -17.85 -4.92 2.15
CA ASP A 233 -18.86 -5.41 3.07
C ASP A 233 -19.04 -6.92 2.97
N GLY A 234 -18.79 -7.49 1.82
CA GLY A 234 -18.84 -8.92 1.59
C GLY A 234 -17.55 -9.68 1.87
N ASP A 235 -16.55 -9.05 2.50
CA ASP A 235 -15.29 -9.71 2.79
C ASP A 235 -15.57 -11.01 3.55
N ALA A 236 -14.99 -12.11 3.06
CA ALA A 236 -15.17 -13.39 3.69
C ALA A 236 -14.48 -13.50 5.03
N ASP A 237 -13.63 -12.55 5.39
CA ASP A 237 -12.90 -12.62 6.67
C ASP A 237 -12.85 -11.24 7.33
N LEU A 238 -14.00 -10.78 7.83
CA LEU A 238 -14.05 -9.49 8.50
C LEU A 238 -13.57 -9.53 9.94
N ALA A 239 -13.46 -10.69 10.54
CA ALA A 239 -12.98 -10.83 11.89
C ALA A 239 -11.74 -10.00 12.22
N PRO A 240 -10.65 -10.07 11.44
CA PRO A 240 -9.46 -9.31 11.82
C PRO A 240 -9.67 -7.84 11.69
N PHE A 241 -10.57 -7.38 10.83
CA PHE A 241 -10.92 -5.97 10.77
C PHE A 241 -11.59 -5.50 12.04
N HIS A 242 -12.55 -6.25 12.53
CA HIS A 242 -13.13 -5.94 13.83
C HIS A 242 -12.07 -5.99 14.93
N ALA A 243 -11.13 -6.92 14.83
CA ALA A 243 -10.10 -7.01 15.85
C ALA A 243 -9.30 -5.71 15.90
N GLY A 244 -9.07 -5.09 14.75
CA GLY A 244 -8.35 -3.83 14.73
C GLY A 244 -9.14 -2.69 15.33
N GLU A 245 -10.47 -2.70 15.17
CA GLU A 245 -11.28 -1.71 15.86
C GLU A 245 -11.03 -1.81 17.36
N ARG A 246 -11.09 -3.06 17.89
CA ARG A 246 -10.92 -3.24 19.33
C ARG A 246 -9.52 -2.93 19.83
N ARG A 247 -8.51 -3.47 19.14
CA ARG A 247 -7.14 -3.44 19.65
C ARG A 247 -6.48 -2.11 19.42
N LEU A 248 -6.78 -1.44 18.30
CA LEU A 248 -6.11 -0.23 17.89
C LEU A 248 -7.01 0.99 17.98
N GLY A 249 -8.28 0.79 18.26
CA GLY A 249 -9.22 1.90 18.11
C GLY A 249 -9.36 2.38 16.68
N ALA A 250 -9.19 1.47 15.73
CA ALA A 250 -9.34 1.83 14.32
C ALA A 250 -10.82 1.95 13.96
N HIS A 251 -11.10 2.78 12.96
CA HIS A 251 -12.44 2.85 12.40
C HIS A 251 -12.49 1.97 11.18
N LEU A 252 -13.60 1.33 10.97
CA LEU A 252 -13.80 0.41 9.87
C LEU A 252 -14.79 1.03 8.90
N TRP A 253 -14.36 1.12 7.66
CA TRP A 253 -15.19 1.62 6.57
C TRP A 253 -15.48 0.47 5.63
N LEU A 254 -16.73 0.32 5.18
CA LEU A 254 -17.10 -0.71 4.23
C LEU A 254 -17.49 -0.10 2.90
N VAL A 255 -17.13 -0.80 1.82
CA VAL A 255 -17.60 -0.47 0.48
C VAL A 255 -18.42 -1.64 -0.06
N ASP A 256 -19.32 -1.35 -0.99
CA ASP A 256 -20.19 -2.37 -1.55
C ASP A 256 -19.35 -3.21 -2.53
N ALA A 257 -19.02 -4.42 -2.13
CA ALA A 257 -18.33 -5.36 -2.99
C ALA A 257 -18.38 -6.74 -2.35
N PRO A 258 -18.36 -7.80 -3.16
CA PRO A 258 -18.30 -9.15 -2.55
C PRO A 258 -16.93 -9.64 -2.10
N THR A 259 -15.85 -9.06 -2.59
CA THR A 259 -14.49 -9.47 -2.28
C THR A 259 -13.57 -8.26 -2.21
N ARG A 260 -12.37 -8.45 -1.61
CA ARG A 260 -11.40 -7.37 -1.54
C ARG A 260 -10.93 -6.92 -2.90
N ILE A 261 -10.70 -7.87 -3.80
CA ILE A 261 -10.27 -7.49 -5.13
C ILE A 261 -11.31 -6.61 -5.80
N LYS A 262 -12.60 -7.02 -5.72
CA LYS A 262 -13.66 -6.22 -6.33
C LYS A 262 -13.83 -4.88 -5.63
N ALA A 263 -13.52 -4.80 -4.34
CA ALA A 263 -13.58 -3.53 -3.64
C ALA A 263 -12.66 -2.49 -4.30
N ALA A 264 -11.61 -2.93 -4.98
CA ALA A 264 -10.73 -1.99 -5.67
C ALA A 264 -11.46 -1.21 -6.77
N GLY A 265 -12.60 -1.70 -7.26
CA GLY A 265 -13.44 -0.91 -8.14
C GLY A 265 -14.04 0.29 -7.47
N ARG A 266 -13.98 0.40 -6.15
CA ARG A 266 -14.57 1.49 -5.40
C ARG A 266 -13.51 2.48 -4.91
N LEU A 267 -12.28 2.41 -5.41
CA LEU A 267 -11.20 3.21 -4.84
C LEU A 267 -11.44 4.71 -5.02
N ALA A 268 -11.95 5.15 -6.18
CA ALA A 268 -12.27 6.57 -6.32
C ALA A 268 -13.28 7.05 -5.29
N GLU A 269 -14.32 6.25 -5.06
CA GLU A 269 -15.34 6.59 -4.06
C GLU A 269 -14.70 6.69 -2.68
N VAL A 270 -13.79 5.76 -2.35
CA VAL A 270 -13.09 5.85 -1.07
C VAL A 270 -12.29 7.14 -1.00
N GLY A 271 -11.67 7.55 -2.12
CA GLY A 271 -10.97 8.83 -2.14
C GLY A 271 -11.85 9.99 -1.76
N ARG A 272 -13.10 9.98 -2.22
CA ARG A 272 -14.00 11.06 -1.85
C ARG A 272 -14.29 11.05 -0.37
N ARG A 273 -14.37 9.87 0.22
CA ARG A 273 -14.59 9.81 1.66
C ARG A 273 -13.36 10.28 2.42
N VAL A 274 -12.15 9.90 1.97
CA VAL A 274 -10.93 10.43 2.54
C VAL A 274 -10.92 11.95 2.47
N ALA A 275 -11.33 12.51 1.33
CA ALA A 275 -11.36 13.96 1.20
C ALA A 275 -12.31 14.56 2.23
N GLY A 276 -13.39 13.85 2.61
CA GLY A 276 -14.28 14.39 3.63
C GLY A 276 -13.63 14.45 5.00
N VAL A 277 -12.80 13.45 5.32
CA VAL A 277 -11.99 13.48 6.55
C VAL A 277 -10.99 14.65 6.50
N LEU A 278 -10.23 14.77 5.41
CA LEU A 278 -9.19 15.77 5.34
C LEU A 278 -9.79 17.18 5.41
N ALA A 279 -11.02 17.35 4.93
CA ALA A 279 -11.67 18.66 4.94
C ALA A 279 -12.06 19.03 6.37
C15 MQH B . -1.79 -9.38 1.23
C17 MQH B . 0.40 -10.07 2.43
C20 MQH B . -0.59 -9.30 4.87
C21 MQH B . -1.36 -9.18 3.73
C22 MQH B . -2.41 -8.01 1.05
C26 MQH B . -6.07 -11.71 -2.24
C02 MQH B . -2.47 -14.05 -2.91
C04 MQH B . -1.73 -15.79 -1.41
C05 MQH B . -1.36 -17.37 -1.38
C06 MQH B . -1.06 -17.90 -0.01
C07 MQH B . -0.13 -17.62 -2.28
C08 MQH B . -2.63 -18.12 -1.93
C09 MQH B . -0.72 -14.74 -0.56
C11 MQH B . -1.99 -14.47 1.56
C12 MQH B . -2.78 -13.05 1.52
C14 MQH B . -2.96 -10.53 1.20
C16 MQH B . -0.92 -9.54 2.45
C18 MQH B . 1.16 -10.21 3.57
C19 MQH B . 0.69 -9.84 4.82
C23 MQH B . -4.03 -10.25 0.25
C25 MQH B . -5.29 -10.38 -1.92
C27 MQH B . -6.88 -12.13 -0.99
C29 MQH B . -6.83 -13.21 1.19
C31 MQH B . -4.80 -9.46 -3.04
C33 MQH B . -4.63 -8.28 -4.95
C34 MQH B . -3.53 -7.77 -4.35
C38 MQH B . -1.52 -14.68 2.98
C39 MQH B . -0.61 -15.86 3.02
C40 MQH B . -2.68 -14.97 3.96
C41 MQH B . -0.75 -13.47 3.46
C42 MQH B . -2.37 -13.35 -4.29
C43 MQH B . -2.49 -14.34 -5.44
C44 MQH B . -3.76 -15.17 -5.23
C45 MQH B . -2.44 -13.67 -6.81
C47 MQH B . -0.83 -11.31 -3.94
C48 MQH B . 0.63 -10.80 -3.71
C49 MQH B . 1.48 -10.68 -4.99
C50 MQH B . 0.64 -10.27 -6.17
C51 MQH B . 2.12 -12.03 -5.21
C52 MQH B . 2.34 -12.60 -3.84
C54 MQH B . 0.88 -12.33 -1.71
C55 MQH B . 1.45 -13.48 -1.03
N03 MQH B . -1.76 -15.19 -2.66
N10 MQH B . -0.94 -14.29 0.61
N13 MQH B . -2.26 -11.82 1.11
N24 MQH B . -4.08 -10.72 -1.03
N32 MQH B . -5.38 -9.24 -4.21
N46 MQH B . -1.03 -12.68 -4.10
N53 MQH B . 1.29 -11.96 -2.99
N56 MQH B . 0.39 -14.44 -1.45
O01 MQH B . -3.18 -13.50 -2.04
O28 MQH B . -6.20 -12.40 0.19
O30 MQH B . -8.11 -12.18 -0.98
O36 MQH B . -5.01 -9.58 0.68
O37 MQH B . -3.93 -12.95 1.97
O57 MQH B . -0.06 -11.69 -1.16
O58 MQH B . -1.80 -10.57 -4.01
S35 MQH B . -3.35 -8.45 -2.82
H151 MQH B . -1.26 -9.43 0.41
H171 MQH B . 0.78 -10.36 1.62
H201 MQH B . -0.90 -9.03 5.71
H211 MQH B . -2.22 -8.84 3.86
H223 MQH B . -3.20 -7.85 1.59
H222 MQH B . -2.68 -7.82 0.14
H221 MQH B . -1.80 -7.28 1.29
H262 MQH B . -6.65 -11.62 -3.01
H261 MQH B . -5.46 -12.43 -2.51
H041 MQH B . -2.61 -15.80 -0.99
H063 MQH B . -0.80 -18.83 -0.04
H061 MQH B . -1.82 -17.82 0.57
H062 MQH B . -0.34 -17.41 0.41
H072 MQH B . 0.08 -18.55 -2.44
H073 MQH B . 0.70 -17.25 -1.94
H071 MQH B . -0.20 -17.24 -3.17
H083 MQH B . -2.82 -19.00 -1.57
H081 MQH B . -2.65 -18.31 -2.89
H082 MQH B . -3.49 -17.68 -1.81
H111 MQH B . -2.48 -15.27 1.31
H141 MQH B . -3.57 -10.56 1.95
H181 MQH B . 2.03 -10.56 3.53
H191 MQH B . 1.21 -9.93 5.59
H251 MQH B . -5.96 -9.88 -1.44
H292 MQH B . -6.22 -13.84 1.58
H291 MQH B . -7.58 -13.73 0.83
H293 MQH B . -7.20 -12.68 1.91
H331 MQH B . -4.92 -8.03 -5.80
H341 MQH B . -2.92 -7.15 -4.66
H392 MQH B . -0.97 -16.63 2.56
H391 MQH B . -0.43 -16.15 3.93
H393 MQH B . 0.25 -15.68 2.62
H401 MQH B . -3.18 -15.77 3.75
H403 MQH B . -3.35 -14.26 3.98
H402 MQH B . -2.40 -15.07 4.88
H412 MQH B . -0.13 -13.15 2.79
H413 MQH B . -0.22 -13.67 4.25
H411 MQH B . -1.33 -12.74 3.69
H421 MQH B . -3.12 -12.76 -4.48
H431 MQH B . -1.75 -14.97 -5.48
H441 MQH B . -4.54 -14.64 -4.98
H442 MQH B . -3.68 -15.84 -4.52
H443 MQH B . -4.04 -15.66 -6.01
H451 MQH B . -3.18 -13.06 -6.96
H452 MQH B . -2.47 -14.30 -7.55
H453 MQH B . -1.64 -13.15 -6.95
H481 MQH B . 0.68 -9.98 -3.21
H491 MQH B . 2.21 -10.05 -4.88
H501 MQH B . 0.11 -11.00 -6.53
H503 MQH B . 1.16 -9.92 -6.90
H502 MQH B . 0.00 -9.56 -5.95
H512 MQH B . 1.58 -12.64 -5.75
H511 MQH B . 2.95 -12.00 -5.70
H521 MQH B . 3.26 -12.40 -3.59
H522 MQH B . 2.31 -13.56 -3.92
H552 MQH B . 2.36 -13.66 -1.29
H551 MQH B . 1.58 -13.34 -0.08
H031 MQH B . -1.31 -15.57 -3.29
H131 MQH B . -1.47 -11.83 0.77
H241 MQH B . -3.41 -11.19 -1.30
H461 MQH B . -0.36 -13.23 -4.10
H561 MQH B . 0.18 -14.38 -2.31
#